data_8WXV
#
_entry.id   8WXV
#
_cell.length_a   46.904
_cell.length_b   61.499
_cell.length_c   64.774
_cell.angle_alpha   110.34
_cell.angle_beta   91.27
_cell.angle_gamma   112.39
#
_symmetry.space_group_name_H-M   'P 1'
#
loop_
_entity.id
_entity.type
_entity.pdbx_description
1 polymer 'WD repeat-containing protein 5'
2 polymer SET1B
3 water water
#
loop_
_entity_poly.entity_id
_entity_poly.type
_entity_poly.pdbx_seq_one_letter_code
_entity_poly.pdbx_strand_id
1 'polypeptide(L)'
;GSHMTQSKPTPVKPNYALKFTLAGHTKAVSSVKFSPNGEWLASSSADKLIKIWGAYDGKFEKTISGHKLGISDVAWSSDS
NLLVSASDDKTLKIWDVSSGKCLKTLKGHSNYVFCCNFNPQSNLIVSGSFDESVRIWDVKTGKCLKTLPAHSDPVSAVHF
NRDGSLIVSSSYDGLCRIWDTASGQCLKTLIDDDNPPVSFVKFSPNGKYILAATLDNTLKLWDYSKGKCLKTYTGHKNEK
YCIFANFSVTGGKWIVSGSEDNLVYIWNLQTKEIVQKLQGHTDVVISTACHPTENIIASAALENDKTIKLWKSDC
;
A,C
2 'polypeptide(L)' GCARSEGFYT B,D
#
# COMPACT_ATOMS: atom_id res chain seq x y z
N LYS A 13 10.34 -5.83 -23.35
CA LYS A 13 9.12 -6.51 -22.91
C LYS A 13 9.05 -6.59 -21.38
N PRO A 14 7.85 -6.45 -20.83
CA PRO A 14 7.67 -6.61 -19.38
C PRO A 14 7.61 -8.09 -19.01
N ASN A 15 7.66 -8.34 -17.70
CA ASN A 15 7.67 -9.71 -17.18
C ASN A 15 6.76 -9.81 -15.96
N TYR A 16 5.56 -9.27 -16.08
CA TYR A 16 4.60 -9.32 -14.98
C TYR A 16 4.37 -10.77 -14.54
N ALA A 17 4.50 -11.00 -13.23
CA ALA A 17 4.28 -12.30 -12.61
C ALA A 17 3.25 -12.13 -11.50
N LEU A 18 2.46 -13.18 -11.30
CA LEU A 18 1.45 -13.18 -10.24
C LEU A 18 2.11 -13.13 -8.87
N LYS A 19 1.66 -12.20 -8.03
CA LYS A 19 2.14 -12.08 -6.66
C LYS A 19 1.06 -12.34 -5.62
N PHE A 20 -0.18 -11.93 -5.88
CA PHE A 20 -1.25 -12.14 -4.92
C PHE A 20 -2.56 -12.36 -5.65
N THR A 21 -3.42 -13.20 -5.06
CA THR A 21 -4.80 -13.35 -5.50
C THR A 21 -5.69 -12.96 -4.32
N LEU A 22 -6.58 -11.99 -4.56
CA LEU A 22 -7.36 -11.36 -3.51
C LEU A 22 -8.80 -11.86 -3.62
N ALA A 23 -9.23 -12.67 -2.65
CA ALA A 23 -10.56 -13.25 -2.62
C ALA A 23 -11.40 -12.60 -1.54
N GLY A 24 -12.72 -12.67 -1.72
CA GLY A 24 -13.65 -12.14 -0.75
C GLY A 24 -14.93 -11.54 -1.31
N HIS A 25 -14.90 -11.02 -2.53
CA HIS A 25 -16.13 -10.64 -3.19
C HIS A 25 -16.96 -11.87 -3.49
N THR A 26 -18.27 -11.77 -3.31
CA THR A 26 -19.17 -12.91 -3.50
C THR A 26 -19.91 -12.87 -4.83
N LYS A 27 -19.72 -11.82 -5.62
CA LYS A 27 -20.22 -11.77 -6.99
C LYS A 27 -19.12 -11.20 -7.87
N ALA A 28 -19.44 -10.94 -9.13
CA ALA A 28 -18.47 -10.40 -10.08
C ALA A 28 -17.87 -9.10 -9.57
N VAL A 29 -16.57 -8.96 -9.76
CA VAL A 29 -15.91 -7.69 -9.54
C VAL A 29 -16.16 -6.81 -10.75
N SER A 30 -16.31 -5.51 -10.53
CA SER A 30 -16.63 -4.58 -11.61
C SER A 30 -15.52 -3.59 -11.91
N SER A 31 -14.75 -3.17 -10.91
CA SER A 31 -13.68 -2.21 -11.13
C SER A 31 -12.69 -2.27 -9.99
N VAL A 32 -11.41 -2.09 -10.31
CA VAL A 32 -10.35 -1.94 -9.31
C VAL A 32 -9.59 -0.66 -9.63
N LYS A 33 -9.16 0.05 -8.59
CA LYS A 33 -8.42 1.30 -8.73
C LYS A 33 -7.39 1.40 -7.63
N PHE A 34 -6.17 1.79 -7.98
CA PHE A 34 -5.15 2.11 -6.99
C PHE A 34 -5.36 3.52 -6.45
N SER A 35 -5.15 3.67 -5.15
CA SER A 35 -5.18 5.01 -4.57
C SER A 35 -4.02 5.85 -5.13
N PRO A 36 -4.22 7.15 -5.29
CA PRO A 36 -3.15 7.99 -5.83
C PRO A 36 -1.86 7.95 -5.02
N ASN A 37 -1.93 7.76 -3.70
CA ASN A 37 -0.69 7.62 -2.93
C ASN A 37 -0.05 6.25 -3.11
N GLY A 38 -0.60 5.40 -3.96
CA GLY A 38 0.01 4.14 -4.32
C GLY A 38 -0.15 3.04 -3.29
N GLU A 39 -0.86 3.32 -2.20
CA GLU A 39 -0.87 2.45 -1.03
C GLU A 39 -2.02 1.45 -1.03
N TRP A 40 -3.15 1.79 -1.64
CA TRP A 40 -4.35 0.97 -1.52
C TRP A 40 -4.87 0.57 -2.89
N LEU A 41 -5.56 -0.56 -2.93
CA LEU A 41 -6.40 -0.92 -4.05
C LEU A 41 -7.84 -0.97 -3.56
N ALA A 42 -8.74 -0.30 -4.27
CA ALA A 42 -10.16 -0.36 -4.01
C ALA A 42 -10.82 -1.18 -5.11
N SER A 43 -11.75 -2.04 -4.72
CA SER A 43 -12.50 -2.84 -5.67
C SER A 43 -13.99 -2.69 -5.39
N SER A 44 -14.79 -2.62 -6.45
CA SER A 44 -16.23 -2.58 -6.34
C SER A 44 -16.80 -3.86 -6.94
N SER A 45 -17.96 -4.28 -6.45
CA SER A 45 -18.48 -5.54 -6.95
C SER A 45 -19.99 -5.50 -7.14
N ALA A 46 -20.49 -6.45 -7.93
CA ALA A 46 -21.93 -6.66 -8.05
C ALA A 46 -22.54 -7.10 -6.72
N ASP A 47 -21.71 -7.54 -5.76
CA ASP A 47 -22.17 -7.93 -4.44
C ASP A 47 -22.51 -6.73 -3.54
N LYS A 48 -22.59 -5.53 -4.11
CA LYS A 48 -22.96 -4.28 -3.43
C LYS A 48 -21.87 -3.73 -2.52
N LEU A 49 -20.65 -4.25 -2.60
CA LEU A 49 -19.61 -3.91 -1.66
C LEU A 49 -18.42 -3.25 -2.35
N ILE A 50 -17.72 -2.41 -1.59
CA ILE A 50 -16.39 -1.94 -1.91
C ILE A 50 -15.43 -2.61 -0.93
N LYS A 51 -14.31 -3.09 -1.43
CA LYS A 51 -13.29 -3.68 -0.58
C LYS A 51 -11.98 -2.94 -0.77
N ILE A 52 -11.27 -2.72 0.34
CA ILE A 52 -10.01 -2.02 0.37
C ILE A 52 -8.93 -3.01 0.77
N TRP A 53 -7.87 -3.09 -0.04
CA TRP A 53 -6.77 -4.01 0.12
C TRP A 53 -5.45 -3.25 0.08
N GLY A 54 -4.43 -3.80 0.73
CA GLY A 54 -3.09 -3.25 0.64
C GLY A 54 -2.48 -3.52 -0.73
N ALA A 55 -1.89 -2.47 -1.33
CA ALA A 55 -1.39 -2.58 -2.70
C ALA A 55 -0.14 -3.46 -2.79
N TYR A 56 0.68 -3.49 -1.75
CA TYR A 56 1.97 -4.16 -1.83
C TYR A 56 1.99 -5.54 -1.20
N ASP A 57 1.08 -5.83 -0.28
CA ASP A 57 1.02 -7.14 0.36
C ASP A 57 -0.31 -7.84 0.14
N GLY A 58 -1.24 -7.24 -0.61
CA GLY A 58 -2.52 -7.84 -0.93
C GLY A 58 -3.41 -8.07 0.28
N LYS A 59 -3.07 -7.48 1.42
CA LYS A 59 -3.80 -7.75 2.65
C LYS A 59 -5.15 -7.05 2.64
N PHE A 60 -6.21 -7.81 2.92
CA PHE A 60 -7.55 -7.23 3.03
C PHE A 60 -7.57 -6.21 4.16
N GLU A 61 -8.05 -5.01 3.87
CA GLU A 61 -8.11 -3.95 4.88
C GLU A 61 -9.52 -3.72 5.41
N LYS A 62 -10.49 -3.50 4.53
CA LYS A 62 -11.84 -3.29 5.06
C LYS A 62 -12.90 -3.43 3.97
N THR A 63 -14.14 -3.62 4.40
CA THR A 63 -15.30 -3.64 3.54
C THR A 63 -16.16 -2.41 3.81
N ILE A 64 -16.60 -1.77 2.72
CA ILE A 64 -17.41 -0.56 2.75
C ILE A 64 -18.75 -0.88 2.10
N SER A 65 -19.83 -0.61 2.82
CA SER A 65 -21.16 -1.07 2.43
C SER A 65 -22.19 0.04 2.61
N GLY A 66 -23.33 -0.13 1.94
CA GLY A 66 -24.43 0.80 2.05
C GLY A 66 -25.27 0.94 0.78
N HIS A 67 -24.70 0.57 -0.36
CA HIS A 67 -25.48 0.54 -1.60
C HIS A 67 -26.50 -0.57 -1.56
N LYS A 68 -27.70 -0.30 -2.08
CA LYS A 68 -28.75 -1.31 -2.08
C LYS A 68 -28.59 -2.31 -3.23
N LEU A 69 -27.84 -1.96 -4.27
CA LEU A 69 -27.65 -2.82 -5.42
C LEU A 69 -26.17 -2.80 -5.81
N GLY A 70 -25.83 -3.56 -6.85
CA GLY A 70 -24.46 -3.72 -7.25
C GLY A 70 -23.79 -2.41 -7.64
N ILE A 71 -22.46 -2.44 -7.63
CA ILE A 71 -21.62 -1.27 -7.93
C ILE A 71 -20.82 -1.58 -9.19
N SER A 72 -20.85 -0.65 -10.15
CA SER A 72 -20.15 -0.82 -11.42
C SER A 72 -18.81 -0.10 -11.48
N ASP A 73 -18.55 0.87 -10.61
CA ASP A 73 -17.33 1.66 -10.71
C ASP A 73 -17.02 2.29 -9.37
N VAL A 74 -15.74 2.63 -9.18
CA VAL A 74 -15.26 3.28 -7.98
C VAL A 74 -14.06 4.13 -8.35
N ALA A 75 -13.84 5.22 -7.61
CA ALA A 75 -12.74 6.12 -7.92
C ALA A 75 -12.29 6.83 -6.66
N TRP A 76 -11.01 7.19 -6.62
CA TRP A 76 -10.36 7.85 -5.49
C TRP A 76 -10.25 9.34 -5.72
N SER A 77 -10.35 10.10 -4.63
CA SER A 77 -9.94 11.50 -4.66
C SER A 77 -8.41 11.59 -4.72
N SER A 78 -7.92 12.79 -5.08
CA SER A 78 -6.49 12.96 -5.32
C SER A 78 -5.66 12.75 -4.05
N ASP A 79 -6.24 13.00 -2.88
CA ASP A 79 -5.53 12.85 -1.63
C ASP A 79 -5.69 11.46 -1.02
N SER A 80 -6.33 10.54 -1.73
CA SER A 80 -6.52 9.15 -1.33
C SER A 80 -7.44 9.00 -0.12
N ASN A 81 -8.13 10.07 0.29
CA ASN A 81 -8.96 10.03 1.48
C ASN A 81 -10.43 9.72 1.20
N LEU A 82 -10.89 9.89 -0.03
CA LEU A 82 -12.29 9.68 -0.37
C LEU A 82 -12.43 8.68 -1.51
N LEU A 83 -13.57 8.01 -1.53
CA LEU A 83 -13.99 7.20 -2.67
C LEU A 83 -15.35 7.68 -3.15
N VAL A 84 -15.58 7.54 -4.45
CA VAL A 84 -16.91 7.68 -5.03
C VAL A 84 -17.26 6.37 -5.70
N SER A 85 -18.49 5.90 -5.51
CA SER A 85 -18.95 4.66 -6.09
C SER A 85 -20.22 4.91 -6.90
N ALA A 86 -20.36 4.15 -7.99
CA ALA A 86 -21.50 4.25 -8.90
C ALA A 86 -22.28 2.94 -8.87
N SER A 87 -23.59 3.01 -8.65
CA SER A 87 -24.36 1.82 -8.32
C SER A 87 -25.63 1.71 -9.15
N ASP A 88 -26.13 0.46 -9.24
CA ASP A 88 -27.41 0.19 -9.88
C ASP A 88 -28.57 0.79 -9.12
N ASP A 89 -28.38 1.16 -7.84
CA ASP A 89 -29.48 1.80 -7.11
C ASP A 89 -29.73 3.26 -7.55
N LYS A 90 -29.08 3.65 -8.65
CA LYS A 90 -29.24 4.94 -9.34
C LYS A 90 -28.51 6.08 -8.66
N THR A 91 -27.75 5.81 -7.60
CA THR A 91 -27.04 6.85 -6.86
C THR A 91 -25.54 6.65 -6.95
N LEU A 92 -24.79 7.73 -6.77
CA LEU A 92 -23.40 7.63 -6.40
C LEU A 92 -23.25 7.85 -4.90
N LYS A 93 -22.17 7.32 -4.34
CA LYS A 93 -21.91 7.54 -2.92
C LYS A 93 -20.48 8.00 -2.70
N ILE A 94 -20.33 9.01 -1.85
CA ILE A 94 -19.03 9.52 -1.44
C ILE A 94 -18.76 9.01 -0.03
N TRP A 95 -17.62 8.31 0.10
CA TRP A 95 -17.18 7.62 1.31
C TRP A 95 -15.88 8.21 1.82
N ASP A 96 -15.80 8.37 3.14
CA ASP A 96 -14.53 8.57 3.83
C ASP A 96 -13.85 7.22 3.97
N VAL A 97 -12.70 7.06 3.33
CA VAL A 97 -12.01 5.76 3.32
C VAL A 97 -11.61 5.35 4.74
N SER A 98 -11.10 6.31 5.52
CA SER A 98 -10.62 6.00 6.86
C SER A 98 -11.73 5.42 7.73
N SER A 99 -12.89 6.07 7.77
CA SER A 99 -14.00 5.62 8.62
C SER A 99 -14.98 4.70 7.91
N GLY A 100 -14.91 4.59 6.58
CA GLY A 100 -15.85 3.74 5.88
C GLY A 100 -17.27 4.25 5.85
N LYS A 101 -17.53 5.46 6.34
CA LYS A 101 -18.87 5.99 6.44
C LYS A 101 -19.23 6.75 5.18
N CYS A 102 -20.50 6.65 4.79
CA CYS A 102 -20.99 7.35 3.59
C CYS A 102 -21.17 8.82 3.93
N LEU A 103 -20.36 9.69 3.32
CA LEU A 103 -20.51 11.12 3.55
C LEU A 103 -21.65 11.70 2.73
N LYS A 104 -21.81 11.27 1.48
CA LYS A 104 -22.86 11.84 0.66
C LYS A 104 -23.48 10.77 -0.23
N THR A 105 -24.76 10.94 -0.53
CA THR A 105 -25.45 10.15 -1.54
C THR A 105 -25.90 11.11 -2.64
N LEU A 106 -25.39 10.89 -3.85
CA LEU A 106 -25.61 11.76 -4.99
C LEU A 106 -26.75 11.17 -5.81
N LYS A 107 -27.92 11.81 -5.71
CA LYS A 107 -29.15 11.38 -6.36
C LYS A 107 -29.47 12.29 -7.53
N GLY A 108 -30.15 11.71 -8.53
CA GLY A 108 -30.56 12.47 -9.70
C GLY A 108 -30.52 11.69 -11.00
N HIS A 109 -29.64 10.70 -11.11
CA HIS A 109 -29.72 9.79 -12.24
C HIS A 109 -31.00 8.96 -12.15
N SER A 110 -31.64 8.74 -13.29
CA SER A 110 -32.90 8.00 -13.35
C SER A 110 -32.69 6.56 -13.80
N ASN A 111 -31.46 6.08 -13.84
CA ASN A 111 -31.15 4.70 -14.19
C ASN A 111 -29.78 4.35 -13.59
N TYR A 112 -29.28 3.17 -13.90
CA TYR A 112 -28.03 2.68 -13.32
C TYR A 112 -26.90 3.67 -13.55
N VAL A 113 -26.12 3.94 -12.51
CA VAL A 113 -24.90 4.71 -12.64
C VAL A 113 -23.75 3.74 -12.94
N PHE A 114 -23.04 3.99 -14.04
CA PHE A 114 -22.09 3.06 -14.62
C PHE A 114 -20.64 3.43 -14.38
N CYS A 115 -20.31 4.71 -14.28
CA CYS A 115 -18.93 5.16 -14.24
C CYS A 115 -18.83 6.45 -13.44
N CYS A 116 -17.67 6.66 -12.82
CA CYS A 116 -17.46 7.83 -11.98
C CYS A 116 -15.97 8.16 -11.92
N ASN A 117 -15.68 9.42 -11.59
CA ASN A 117 -14.30 9.90 -11.45
C ASN A 117 -14.30 11.24 -10.76
N PHE A 118 -13.30 11.45 -9.90
CA PHE A 118 -12.98 12.77 -9.38
C PHE A 118 -12.19 13.55 -10.43
N ASN A 119 -12.27 14.88 -10.35
CA ASN A 119 -11.34 15.74 -11.08
C ASN A 119 -10.06 15.91 -10.28
N PRO A 120 -8.99 16.43 -10.89
CA PRO A 120 -7.72 16.56 -10.16
C PRO A 120 -7.82 17.36 -8.86
N GLN A 121 -8.53 18.49 -8.87
CA GLN A 121 -8.75 19.21 -7.62
C GLN A 121 -9.55 18.37 -6.63
N SER A 122 -10.39 17.47 -7.15
CA SER A 122 -11.27 16.60 -6.37
C SER A 122 -12.36 17.39 -5.64
N ASN A 123 -12.69 18.58 -6.13
CA ASN A 123 -13.90 19.26 -5.70
C ASN A 123 -15.12 18.86 -6.54
N LEU A 124 -14.91 18.17 -7.66
CA LEU A 124 -15.98 17.76 -8.56
C LEU A 124 -15.93 16.25 -8.77
N ILE A 125 -17.11 15.68 -9.02
CA ILE A 125 -17.25 14.29 -9.44
C ILE A 125 -18.03 14.24 -10.75
N VAL A 126 -17.56 13.45 -11.71
CA VAL A 126 -18.28 13.22 -12.95
C VAL A 126 -18.82 11.80 -12.95
N SER A 127 -20.03 11.64 -13.48
CA SER A 127 -20.67 10.34 -13.52
C SER A 127 -21.35 10.15 -14.87
N GLY A 128 -21.43 8.89 -15.29
CA GLY A 128 -22.21 8.52 -16.45
C GLY A 128 -23.19 7.43 -16.07
N SER A 129 -24.32 7.40 -16.77
CA SER A 129 -25.41 6.53 -16.37
C SER A 129 -26.07 5.87 -17.57
N PHE A 130 -26.82 4.82 -17.29
CA PHE A 130 -27.68 4.20 -18.30
C PHE A 130 -28.74 5.17 -18.80
N ASP A 131 -29.03 6.25 -18.05
CA ASP A 131 -29.98 7.25 -18.51
C ASP A 131 -29.42 8.14 -19.62
N GLU A 132 -28.21 7.85 -20.11
CA GLU A 132 -27.57 8.47 -21.27
C GLU A 132 -27.04 9.87 -20.98
N SER A 133 -27.12 10.33 -19.73
CA SER A 133 -26.61 11.64 -19.35
C SER A 133 -25.25 11.51 -18.67
N VAL A 134 -24.55 12.64 -18.60
CA VAL A 134 -23.35 12.77 -17.78
C VAL A 134 -23.65 13.83 -16.73
N ARG A 135 -23.29 13.57 -15.48
CA ARG A 135 -23.58 14.52 -14.42
C ARG A 135 -22.31 14.98 -13.72
N ILE A 136 -22.29 16.26 -13.35
CA ILE A 136 -21.18 16.89 -12.64
C ILE A 136 -21.72 17.30 -11.28
N TRP A 137 -21.05 16.82 -10.23
CA TRP A 137 -21.49 16.93 -8.84
C TRP A 137 -20.47 17.69 -8.01
N ASP A 138 -20.96 18.50 -7.09
CA ASP A 138 -20.12 19.16 -6.11
C ASP A 138 -19.82 18.18 -4.98
N VAL A 139 -18.54 17.95 -4.71
CA VAL A 139 -18.14 16.97 -3.70
C VAL A 139 -18.58 17.41 -2.31
N LYS A 140 -18.39 18.69 -1.97
CA LYS A 140 -18.69 19.17 -0.62
C LYS A 140 -20.17 19.05 -0.28
N THR A 141 -21.06 19.44 -1.21
CA THR A 141 -22.48 19.52 -0.92
C THR A 141 -23.29 18.33 -1.40
N GLY A 142 -22.77 17.55 -2.36
CA GLY A 142 -23.52 16.47 -2.94
C GLY A 142 -24.54 16.88 -3.98
N LYS A 143 -24.65 18.16 -4.30
CA LYS A 143 -25.60 18.63 -5.28
C LYS A 143 -25.10 18.36 -6.69
N CYS A 144 -26.05 18.07 -7.59
CA CYS A 144 -25.70 18.00 -9.00
C CYS A 144 -25.49 19.43 -9.53
N LEU A 145 -24.30 19.70 -10.04
CA LEU A 145 -24.06 21.03 -10.60
C LEU A 145 -24.52 21.11 -12.04
N LYS A 146 -24.30 20.06 -12.82
CA LYS A 146 -24.72 20.09 -14.22
C LYS A 146 -25.16 18.70 -14.67
N THR A 147 -26.15 18.67 -15.55
CA THR A 147 -26.57 17.46 -16.24
C THR A 147 -26.41 17.69 -17.74
N LEU A 148 -25.51 16.92 -18.36
CA LEU A 148 -25.24 17.02 -19.77
C LEU A 148 -26.03 15.95 -20.51
N PRO A 149 -26.86 16.32 -21.48
CA PRO A 149 -27.51 15.32 -22.33
C PRO A 149 -26.49 14.71 -23.27
N ALA A 150 -25.60 13.89 -22.72
CA ALA A 150 -24.34 13.59 -23.41
C ALA A 150 -24.53 12.64 -24.58
N HIS A 151 -25.45 11.68 -24.47
CA HIS A 151 -25.47 10.56 -25.40
C HIS A 151 -26.89 10.11 -25.64
N SER A 152 -27.05 9.25 -26.65
CA SER A 152 -28.34 8.65 -26.99
C SER A 152 -28.38 7.16 -26.65
N ASP A 153 -27.48 6.72 -25.78
CA ASP A 153 -27.40 5.36 -25.28
C ASP A 153 -26.62 5.40 -23.97
N PRO A 154 -26.58 4.29 -23.21
CA PRO A 154 -25.90 4.32 -21.91
C PRO A 154 -24.44 4.77 -22.01
N VAL A 155 -24.01 5.53 -21.00
CA VAL A 155 -22.67 6.11 -20.98
C VAL A 155 -21.74 5.15 -20.28
N SER A 156 -20.70 4.71 -20.98
CA SER A 156 -19.84 3.62 -20.53
C SER A 156 -18.63 4.09 -19.73
N ALA A 157 -18.18 5.33 -19.93
CA ALA A 157 -17.01 5.83 -19.20
C ALA A 157 -17.02 7.34 -19.18
N VAL A 158 -16.46 7.91 -18.11
CA VAL A 158 -16.27 9.35 -17.96
C VAL A 158 -14.91 9.58 -17.31
N HIS A 159 -14.21 10.63 -17.74
CA HIS A 159 -12.86 10.85 -17.25
C HIS A 159 -12.48 12.32 -17.40
N PHE A 160 -11.87 12.86 -16.35
CA PHE A 160 -11.28 14.19 -16.38
C PHE A 160 -9.86 14.13 -16.94
N ASN A 161 -9.46 15.21 -17.61
CA ASN A 161 -8.09 15.34 -18.08
C ASN A 161 -7.21 15.84 -16.93
N ARG A 162 -5.93 16.12 -17.22
CA ARG A 162 -4.96 16.32 -16.15
C ARG A 162 -5.25 17.55 -15.28
N ASP A 163 -5.91 18.57 -15.82
CA ASP A 163 -6.25 19.72 -15.01
C ASP A 163 -7.74 19.80 -14.69
N GLY A 164 -8.54 18.87 -15.18
CA GLY A 164 -9.95 18.86 -14.91
C GLY A 164 -10.78 19.78 -15.78
N SER A 165 -10.15 20.48 -16.72
CA SER A 165 -10.90 21.41 -17.56
C SER A 165 -11.73 20.69 -18.61
N LEU A 166 -11.41 19.44 -18.91
CA LEU A 166 -12.12 18.66 -19.92
C LEU A 166 -12.66 17.38 -19.31
N ILE A 167 -13.80 16.94 -19.83
CA ILE A 167 -14.37 15.63 -19.53
C ILE A 167 -14.47 14.87 -20.85
N VAL A 168 -14.07 13.60 -20.85
CA VAL A 168 -14.26 12.73 -22.00
C VAL A 168 -15.26 11.65 -21.63
N SER A 169 -16.23 11.41 -22.51
CA SER A 169 -17.27 10.43 -22.29
C SER A 169 -17.38 9.51 -23.51
N SER A 170 -17.85 8.30 -23.26
CA SER A 170 -18.07 7.30 -24.30
C SER A 170 -19.42 6.64 -24.06
N SER A 171 -19.96 6.05 -25.12
CA SER A 171 -21.31 5.51 -25.03
C SER A 171 -21.51 4.38 -26.03
N TYR A 172 -22.54 3.57 -25.77
CA TYR A 172 -22.95 2.55 -26.71
C TYR A 172 -23.48 3.13 -28.00
N ASP A 173 -23.81 4.43 -28.01
CA ASP A 173 -24.26 5.09 -29.24
C ASP A 173 -23.16 5.20 -30.28
N GLY A 174 -21.91 4.90 -29.90
CA GLY A 174 -20.81 4.90 -30.83
C GLY A 174 -19.94 6.14 -30.80
N LEU A 175 -20.19 7.07 -29.90
CA LEU A 175 -19.56 8.37 -29.93
C LEU A 175 -18.56 8.51 -28.79
N CYS A 176 -17.49 9.26 -29.06
CA CYS A 176 -16.65 9.79 -27.99
C CYS A 176 -16.85 11.30 -27.97
N ARG A 177 -17.05 11.86 -26.78
CA ARG A 177 -17.31 13.29 -26.71
C ARG A 177 -16.45 13.97 -25.66
N ILE A 178 -15.93 15.14 -25.99
CA ILE A 178 -15.09 15.95 -25.13
C ILE A 178 -15.87 17.21 -24.78
N TRP A 179 -16.06 17.42 -23.48
CA TRP A 179 -16.88 18.49 -22.90
C TRP A 179 -15.99 19.46 -22.12
N ASP A 180 -16.30 20.75 -22.27
CA ASP A 180 -15.69 21.78 -21.43
C ASP A 180 -16.36 21.73 -20.06
N THR A 181 -15.57 21.44 -19.02
CA THR A 181 -16.13 21.21 -17.69
C THR A 181 -16.88 22.43 -17.18
N ALA A 182 -16.29 23.62 -17.33
CA ALA A 182 -16.86 24.81 -16.73
C ALA A 182 -18.24 25.14 -17.31
N SER A 183 -18.41 24.99 -18.61
CA SER A 183 -19.65 25.37 -19.28
C SER A 183 -20.56 24.19 -19.56
N GLY A 184 -20.04 22.97 -19.53
CA GLY A 184 -20.81 21.81 -19.91
C GLY A 184 -21.05 21.66 -21.40
N GLN A 185 -20.48 22.54 -22.21
CA GLN A 185 -20.71 22.51 -23.65
C GLN A 185 -19.77 21.49 -24.30
N CYS A 186 -20.28 20.83 -25.34
CA CYS A 186 -19.50 19.83 -26.06
C CYS A 186 -18.46 20.53 -26.92
N LEU A 187 -17.19 20.24 -26.68
CA LEU A 187 -16.11 20.82 -27.47
C LEU A 187 -15.77 19.98 -28.69
N LYS A 188 -15.95 18.66 -28.62
CA LYS A 188 -15.58 17.86 -29.77
C LYS A 188 -16.30 16.51 -29.73
N THR A 189 -16.68 16.00 -30.90
CA THR A 189 -17.25 14.68 -31.03
C THR A 189 -16.40 13.85 -31.98
N LEU A 190 -15.83 12.76 -31.45
CA LEU A 190 -15.15 11.76 -32.26
C LEU A 190 -16.18 10.76 -32.75
N ILE A 191 -16.34 10.71 -34.07
CA ILE A 191 -17.27 9.81 -34.74
C ILE A 191 -16.57 8.85 -35.71
N ASP A 192 -15.33 9.11 -36.09
CA ASP A 192 -14.64 8.35 -37.12
C ASP A 192 -14.56 6.86 -36.79
N ASN A 195 -19.97 3.18 -36.65
CA ASN A 195 -20.21 3.60 -35.28
C ASN A 195 -20.25 2.43 -34.30
N PRO A 196 -19.15 1.69 -34.15
CA PRO A 196 -19.11 0.59 -33.19
C PRO A 196 -19.27 1.11 -31.77
N PRO A 197 -20.03 0.39 -30.92
CA PRO A 197 -20.22 0.82 -29.53
C PRO A 197 -18.92 1.05 -28.76
N VAL A 198 -18.78 2.25 -28.20
CA VAL A 198 -17.60 2.58 -27.40
C VAL A 198 -17.84 2.18 -25.94
N SER A 199 -17.03 1.25 -25.45
CA SER A 199 -17.20 0.67 -24.13
C SER A 199 -16.27 1.26 -23.07
N PHE A 200 -15.23 1.97 -23.45
CA PHE A 200 -14.35 2.59 -22.48
C PHE A 200 -13.59 3.74 -23.14
N VAL A 201 -13.28 4.74 -22.33
CA VAL A 201 -12.53 5.90 -22.80
C VAL A 201 -11.80 6.51 -21.60
N LYS A 202 -10.59 7.01 -21.84
CA LYS A 202 -9.89 7.80 -20.83
C LYS A 202 -8.76 8.59 -21.48
N PHE A 203 -8.41 9.72 -20.85
CA PHE A 203 -7.32 10.57 -21.30
C PHE A 203 -5.97 9.92 -20.99
N SER A 204 -4.99 10.23 -21.83
CA SER A 204 -3.60 9.93 -21.50
C SER A 204 -3.14 10.80 -20.34
N PRO A 205 -2.11 10.39 -19.60
CA PRO A 205 -1.63 11.19 -18.47
C PRO A 205 -1.29 12.63 -18.81
N ASN A 206 -0.68 12.89 -19.96
CA ASN A 206 -0.40 14.27 -20.35
C ASN A 206 -1.65 15.00 -20.85
N GLY A 207 -2.74 14.27 -21.09
CA GLY A 207 -3.99 14.86 -21.52
C GLY A 207 -4.13 15.09 -23.01
N LYS A 208 -3.10 14.82 -23.80
CA LYS A 208 -3.16 15.07 -25.23
C LYS A 208 -3.86 13.94 -26.00
N TYR A 209 -3.87 12.72 -25.46
CA TYR A 209 -4.39 11.57 -26.17
C TYR A 209 -5.57 10.97 -25.42
N ILE A 210 -6.40 10.27 -26.19
CA ILE A 210 -7.58 9.59 -25.67
C ILE A 210 -7.53 8.12 -26.10
N LEU A 211 -7.67 7.21 -25.14
CA LEU A 211 -7.70 5.79 -25.42
C LEU A 211 -9.14 5.30 -25.36
N ALA A 212 -9.63 4.73 -26.47
CA ALA A 212 -11.03 4.35 -26.58
C ALA A 212 -11.14 2.88 -26.98
N ALA A 213 -11.96 2.13 -26.25
CA ALA A 213 -12.25 0.74 -26.57
C ALA A 213 -13.59 0.67 -27.31
N THR A 214 -13.63 -0.09 -28.39
CA THR A 214 -14.89 -0.37 -29.06
C THR A 214 -15.19 -1.86 -29.01
N LEU A 215 -16.46 -2.20 -29.16
CA LEU A 215 -16.89 -3.58 -28.93
C LEU A 215 -16.69 -4.43 -30.18
N ASP A 216 -15.73 -4.04 -31.02
CA ASP A 216 -15.27 -4.84 -32.14
C ASP A 216 -13.84 -5.35 -31.92
N ASN A 217 -13.50 -5.65 -30.66
CA ASN A 217 -12.18 -6.19 -30.30
C ASN A 217 -11.05 -5.23 -30.68
N THR A 218 -11.27 -3.95 -30.44
CA THR A 218 -10.32 -2.93 -30.87
C THR A 218 -10.15 -1.87 -29.78
N LEU A 219 -8.89 -1.48 -29.56
CA LEU A 219 -8.56 -0.28 -28.82
C LEU A 219 -7.92 0.71 -29.77
N LYS A 220 -8.22 1.99 -29.61
CA LYS A 220 -7.65 3.01 -30.47
C LYS A 220 -7.12 4.17 -29.64
N LEU A 221 -5.95 4.66 -30.04
CA LEU A 221 -5.33 5.83 -29.46
C LEU A 221 -5.52 7.00 -30.40
N TRP A 222 -6.23 8.02 -29.93
CA TRP A 222 -6.61 9.21 -30.68
C TRP A 222 -5.84 10.42 -30.15
N ASP A 223 -5.51 11.33 -31.07
CA ASP A 223 -5.00 12.65 -30.73
C ASP A 223 -6.21 13.56 -30.57
N TYR A 224 -6.38 14.15 -29.39
CA TYR A 224 -7.61 14.88 -29.14
C TYR A 224 -7.68 16.13 -29.99
N SER A 225 -6.60 16.94 -29.92
CA SER A 225 -6.53 18.22 -30.62
C SER A 225 -6.55 18.04 -32.13
N LYS A 226 -6.06 16.90 -32.67
CA LYS A 226 -6.17 16.67 -34.12
C LYS A 226 -7.38 15.80 -34.51
N GLY A 227 -7.98 15.05 -33.58
CA GLY A 227 -9.09 14.18 -33.94
C GLY A 227 -8.73 13.03 -34.86
N LYS A 228 -7.55 12.46 -34.67
CA LYS A 228 -6.99 11.45 -35.54
C LYS A 228 -6.68 10.20 -34.73
N CYS A 229 -7.00 9.04 -35.29
CA CYS A 229 -6.59 7.79 -34.66
C CYS A 229 -5.11 7.57 -34.95
N LEU A 230 -4.29 7.62 -33.89
CA LEU A 230 -2.86 7.44 -34.05
C LEU A 230 -2.45 5.98 -33.98
N LYS A 231 -3.10 5.19 -33.12
CA LYS A 231 -2.70 3.80 -32.94
C LYS A 231 -3.92 2.91 -32.83
N THR A 232 -3.75 1.65 -33.25
CA THR A 232 -4.79 0.64 -33.10
C THR A 232 -4.18 -0.61 -32.48
N TYR A 233 -4.82 -1.14 -31.45
CA TYR A 233 -4.34 -2.30 -30.72
C TYR A 233 -5.41 -3.39 -30.76
N THR A 234 -5.02 -4.57 -31.23
CA THR A 234 -5.92 -5.68 -31.46
C THR A 234 -5.29 -6.97 -30.95
N GLY A 235 -6.02 -8.07 -31.10
CA GLY A 235 -5.60 -9.37 -30.63
C GLY A 235 -6.36 -9.90 -29.44
N HIS A 236 -7.07 -9.02 -28.73
CA HIS A 236 -7.85 -9.40 -27.57
C HIS A 236 -9.32 -9.56 -27.96
N LYS A 237 -10.11 -10.12 -27.04
CA LYS A 237 -11.55 -10.27 -27.23
C LYS A 237 -12.27 -9.25 -26.37
N ASN A 238 -12.96 -8.32 -27.02
CA ASN A 238 -13.80 -7.34 -26.34
C ASN A 238 -15.00 -7.07 -27.25
N GLU A 239 -16.09 -7.81 -27.01
CA GLU A 239 -17.30 -7.70 -27.81
C GLU A 239 -18.55 -7.40 -27.02
N LYS A 240 -18.52 -7.60 -25.70
CA LYS A 240 -19.76 -7.49 -24.92
C LYS A 240 -19.64 -6.61 -23.69
N TYR A 241 -18.51 -6.62 -23.00
CA TYR A 241 -18.39 -5.98 -21.70
C TYR A 241 -17.58 -4.69 -21.79
N CYS A 242 -17.88 -3.76 -20.90
CA CYS A 242 -17.13 -2.51 -20.80
C CYS A 242 -15.90 -2.78 -19.95
N ILE A 243 -14.75 -2.97 -20.62
CA ILE A 243 -13.51 -3.38 -19.99
C ILE A 243 -12.58 -2.17 -19.89
N PHE A 244 -12.03 -1.94 -18.71
CA PHE A 244 -11.10 -0.84 -18.50
C PHE A 244 -9.80 -1.08 -19.27
N ALA A 245 -9.21 0.03 -19.74
CA ALA A 245 -7.87 0.02 -20.30
C ALA A 245 -7.06 1.12 -19.62
N ASN A 246 -5.74 1.00 -19.73
CA ASN A 246 -4.84 1.87 -18.99
C ASN A 246 -3.61 2.19 -19.84
N PHE A 247 -3.05 3.37 -19.58
CA PHE A 247 -1.68 3.69 -19.92
C PHE A 247 -0.78 3.26 -18.77
N SER A 248 0.20 2.42 -19.05
CA SER A 248 1.23 2.06 -18.08
C SER A 248 2.48 2.89 -18.37
N VAL A 249 2.91 3.69 -17.39
CA VAL A 249 3.96 4.68 -17.59
C VAL A 249 5.09 4.56 -16.57
N THR A 250 4.94 3.67 -15.58
CA THR A 250 5.96 3.60 -14.52
C THR A 250 7.27 3.07 -15.06
N GLY A 251 7.23 2.07 -15.93
CA GLY A 251 8.41 1.57 -16.60
C GLY A 251 8.33 1.82 -18.09
N GLY A 252 8.23 0.77 -18.88
CA GLY A 252 7.96 0.94 -20.29
C GLY A 252 6.55 1.47 -20.51
N LYS A 253 6.36 2.12 -21.66
CA LYS A 253 5.07 2.72 -22.01
C LYS A 253 4.21 1.64 -22.64
N TRP A 254 3.27 1.09 -21.88
CA TRP A 254 2.40 0.04 -22.39
C TRP A 254 0.95 0.49 -22.42
N ILE A 255 0.17 -0.22 -23.22
CA ILE A 255 -1.28 -0.22 -23.11
C ILE A 255 -1.69 -1.50 -22.43
N VAL A 256 -2.56 -1.40 -21.41
CA VAL A 256 -2.97 -2.56 -20.62
C VAL A 256 -4.49 -2.68 -20.70
N SER A 257 -4.99 -3.89 -20.92
CA SER A 257 -6.43 -4.08 -20.96
C SER A 257 -6.81 -5.48 -20.51
N GLY A 258 -8.01 -5.59 -19.93
CA GLY A 258 -8.59 -6.90 -19.72
C GLY A 258 -9.18 -7.42 -21.03
N SER A 259 -9.61 -8.69 -20.99
CA SER A 259 -10.08 -9.33 -22.21
C SER A 259 -11.10 -10.41 -21.85
N GLU A 260 -11.97 -10.72 -22.82
CA GLU A 260 -13.04 -11.68 -22.61
C GLU A 260 -12.57 -13.12 -22.74
N ASP A 261 -11.29 -13.34 -23.05
CA ASP A 261 -10.69 -14.68 -23.01
C ASP A 261 -9.96 -14.94 -21.71
N ASN A 262 -10.25 -14.16 -20.66
CA ASN A 262 -9.73 -14.35 -19.30
C ASN A 262 -8.25 -13.97 -19.18
N LEU A 263 -7.74 -13.19 -20.12
CA LEU A 263 -6.33 -12.82 -20.14
C LEU A 263 -6.18 -11.31 -19.96
N VAL A 264 -5.05 -10.91 -19.40
CA VAL A 264 -4.65 -9.51 -19.36
C VAL A 264 -3.70 -9.26 -20.53
N TYR A 265 -4.04 -8.33 -21.40
CA TYR A 265 -3.22 -8.01 -22.56
C TYR A 265 -2.38 -6.76 -22.28
N ILE A 266 -1.11 -6.82 -22.70
CA ILE A 266 -0.18 -5.71 -22.58
C ILE A 266 0.46 -5.53 -23.96
N TRP A 267 0.29 -4.33 -24.53
CA TRP A 267 0.84 -3.94 -25.81
C TRP A 267 1.92 -2.90 -25.63
N ASN A 268 2.90 -2.91 -26.55
CA ASN A 268 3.78 -1.77 -26.70
C ASN A 268 3.00 -0.61 -27.32
N LEU A 269 2.99 0.54 -26.64
CA LEU A 269 2.15 1.64 -27.09
C LEU A 269 2.56 2.15 -28.46
N GLN A 270 3.87 2.28 -28.70
CA GLN A 270 4.32 2.89 -29.94
C GLN A 270 4.23 1.92 -31.12
N THR A 271 4.57 0.65 -30.92
CA THR A 271 4.61 -0.30 -32.01
C THR A 271 3.34 -1.12 -32.16
N LYS A 272 2.44 -1.06 -31.17
CA LYS A 272 1.15 -1.74 -31.18
C LYS A 272 1.28 -3.26 -31.13
N GLU A 273 2.44 -3.79 -30.77
CA GLU A 273 2.66 -5.22 -30.70
C GLU A 273 2.36 -5.72 -29.29
N ILE A 274 1.72 -6.88 -29.20
CA ILE A 274 1.47 -7.49 -27.90
C ILE A 274 2.79 -7.92 -27.29
N VAL A 275 3.09 -7.41 -26.10
CA VAL A 275 4.31 -7.78 -25.41
C VAL A 275 4.08 -8.75 -24.25
N GLN A 276 2.86 -8.81 -23.70
CA GLN A 276 2.63 -9.83 -22.69
C GLN A 276 1.15 -10.17 -22.56
N LYS A 277 0.88 -11.40 -22.14
CA LYS A 277 -0.48 -11.88 -21.89
C LYS A 277 -0.49 -12.63 -20.57
N LEU A 278 -1.12 -12.04 -19.56
CA LEU A 278 -1.15 -12.62 -18.22
C LEU A 278 -2.32 -13.59 -18.10
N GLN A 279 -2.00 -14.81 -17.68
CA GLN A 279 -2.94 -15.92 -17.54
C GLN A 279 -3.13 -16.24 -16.06
N GLY A 280 -4.33 -16.70 -15.73
CA GLY A 280 -4.64 -17.10 -14.38
C GLY A 280 -6.07 -16.86 -13.98
N HIS A 281 -6.73 -15.88 -14.59
CA HIS A 281 -8.14 -15.65 -14.31
C HIS A 281 -8.98 -16.70 -15.00
N THR A 282 -10.15 -16.98 -14.42
CA THR A 282 -11.06 -18.00 -14.93
C THR A 282 -12.36 -17.41 -15.48
N ASP A 283 -12.36 -16.11 -15.77
CA ASP A 283 -13.52 -15.43 -16.34
C ASP A 283 -13.06 -14.10 -16.91
N VAL A 284 -13.98 -13.41 -17.58
CA VAL A 284 -13.66 -12.15 -18.25
C VAL A 284 -12.94 -11.23 -17.30
N VAL A 285 -11.76 -10.75 -17.72
CA VAL A 285 -11.04 -9.76 -16.93
C VAL A 285 -11.68 -8.41 -17.21
N ILE A 286 -12.66 -8.05 -16.38
CA ILE A 286 -13.44 -6.84 -16.63
C ILE A 286 -12.63 -5.60 -16.30
N SER A 287 -11.61 -5.69 -15.44
CA SER A 287 -10.96 -4.48 -15.00
C SER A 287 -9.46 -4.68 -14.83
N THR A 288 -8.70 -3.68 -15.24
CA THR A 288 -7.26 -3.63 -14.98
C THR A 288 -6.91 -2.21 -14.55
N ALA A 289 -5.88 -2.09 -13.72
CA ALA A 289 -5.41 -0.80 -13.24
C ALA A 289 -3.91 -0.86 -13.04
N CYS A 290 -3.26 0.28 -13.24
CA CYS A 290 -1.81 0.40 -13.17
C CYS A 290 -1.41 1.23 -11.97
N HIS A 291 -0.48 0.71 -11.18
CA HIS A 291 -0.05 1.39 -9.97
C HIS A 291 0.61 2.72 -10.31
N PRO A 292 0.40 3.77 -9.51
CA PRO A 292 0.95 5.09 -9.86
C PRO A 292 2.47 5.17 -9.85
N THR A 293 3.19 4.32 -9.11
CA THR A 293 4.64 4.46 -9.05
C THR A 293 5.41 3.18 -9.31
N GLU A 294 4.85 2.03 -8.96
CA GLU A 294 5.48 0.74 -9.17
C GLU A 294 4.94 0.06 -10.42
N ASN A 295 5.74 -0.84 -10.99
CA ASN A 295 5.31 -1.66 -12.12
C ASN A 295 4.43 -2.80 -11.59
N ILE A 296 3.22 -2.40 -11.17
CA ILE A 296 2.25 -3.32 -10.57
C ILE A 296 0.92 -3.15 -11.30
N ILE A 297 0.32 -4.27 -11.70
CA ILE A 297 -0.98 -4.28 -12.33
C ILE A 297 -1.96 -5.00 -11.41
N ALA A 298 -3.16 -4.44 -11.27
CA ALA A 298 -4.27 -5.13 -10.62
C ALA A 298 -5.31 -5.49 -11.67
N SER A 299 -5.76 -6.74 -11.65
CA SER A 299 -6.77 -7.22 -12.58
C SER A 299 -7.92 -7.85 -11.80
N ALA A 300 -9.11 -7.80 -12.39
CA ALA A 300 -10.30 -8.32 -11.73
C ALA A 300 -11.27 -8.87 -12.78
N ALA A 301 -11.96 -9.95 -12.38
CA ALA A 301 -12.72 -10.82 -13.26
C ALA A 301 -14.15 -10.99 -12.78
N LEU A 302 -14.96 -11.65 -13.61
CA LEU A 302 -16.41 -11.70 -13.44
C LEU A 302 -16.83 -12.90 -12.59
N GLU A 303 -18.13 -13.22 -12.61
CA GLU A 303 -18.76 -14.04 -11.57
C GLU A 303 -18.09 -15.40 -11.41
N ASN A 304 -17.63 -16.01 -12.48
CA ASN A 304 -17.02 -17.33 -12.33
C ASN A 304 -15.65 -17.29 -11.67
N ASP A 305 -15.07 -16.11 -11.49
CA ASP A 305 -13.75 -15.96 -10.87
C ASP A 305 -13.84 -15.22 -9.54
N LYS A 306 -14.41 -14.02 -9.53
CA LYS A 306 -14.67 -13.18 -8.37
C LYS A 306 -13.41 -12.68 -7.67
N THR A 307 -12.22 -12.94 -8.18
CA THR A 307 -11.00 -12.57 -7.48
C THR A 307 -10.28 -11.45 -8.20
N ILE A 308 -9.42 -10.79 -7.45
CA ILE A 308 -8.52 -9.76 -7.95
C ILE A 308 -7.11 -10.34 -7.89
N LYS A 309 -6.29 -10.00 -8.86
CA LYS A 309 -4.92 -10.49 -8.93
C LYS A 309 -3.96 -9.32 -9.05
N LEU A 310 -2.86 -9.40 -8.32
CA LEU A 310 -1.79 -8.40 -8.37
C LEU A 310 -0.59 -9.00 -9.07
N TRP A 311 -0.03 -8.27 -10.03
CA TRP A 311 1.09 -8.72 -10.83
C TRP A 311 2.20 -7.69 -10.75
N LYS A 312 3.45 -8.16 -10.74
CA LYS A 312 4.60 -7.26 -10.67
C LYS A 312 5.58 -7.56 -11.79
N SER A 313 6.16 -6.50 -12.35
CA SER A 313 7.13 -6.59 -13.43
C SER A 313 8.39 -5.81 -13.07
N ASP A 314 9.52 -6.26 -13.63
CA ASP A 314 10.77 -5.54 -13.44
C ASP A 314 10.88 -4.30 -14.33
N CYS A 315 10.03 -4.17 -15.33
CA CYS A 315 10.02 -2.98 -16.19
C CYS A 315 8.63 -2.73 -16.77
N GLY B 1 -26.00 -8.63 -9.06
CA GLY B 1 -25.56 -8.17 -10.36
C GLY B 1 -25.34 -6.67 -10.44
N CYS B 2 -24.62 -6.24 -11.48
CA CYS B 2 -24.42 -4.83 -11.75
C CYS B 2 -24.34 -4.65 -13.25
N ALA B 3 -24.64 -3.42 -13.71
CA ALA B 3 -24.78 -3.18 -15.15
C ALA B 3 -23.51 -3.55 -15.92
N ARG B 4 -22.34 -3.36 -15.33
CA ARG B 4 -21.10 -3.75 -15.99
C ARG B 4 -20.95 -5.26 -16.07
N SER B 5 -21.27 -5.97 -14.98
CA SER B 5 -21.18 -7.43 -14.99
C SER B 5 -22.22 -8.06 -15.90
N GLU B 6 -23.26 -7.32 -16.28
CA GLU B 6 -24.29 -7.85 -17.17
C GLU B 6 -23.85 -7.72 -18.63
N GLY B 7 -23.51 -6.52 -19.06
CA GLY B 7 -22.82 -6.32 -20.33
C GLY B 7 -23.73 -5.79 -21.41
N PHE B 8 -23.67 -6.41 -22.59
CA PHE B 8 -24.35 -5.92 -23.80
C PHE B 8 -23.95 -4.48 -24.10
N LYS C 13 -9.27 -5.12 28.17
CA LYS C 13 -7.93 -5.64 28.40
C LYS C 13 -7.68 -6.95 27.66
N PRO C 14 -6.46 -7.13 27.15
CA PRO C 14 -6.09 -8.40 26.52
C PRO C 14 -5.71 -9.44 27.56
N ASN C 15 -5.53 -10.68 27.09
CA ASN C 15 -5.19 -11.80 27.94
C ASN C 15 -4.10 -12.66 27.30
N TYR C 16 -3.06 -12.01 26.80
CA TYR C 16 -1.96 -12.71 26.16
C TYR C 16 -1.36 -13.76 27.08
N ALA C 17 -1.24 -14.99 26.56
CA ALA C 17 -0.64 -16.09 27.27
C ALA C 17 0.47 -16.69 26.42
N LEU C 18 1.51 -17.19 27.10
CA LEU C 18 2.63 -17.82 26.43
C LEU C 18 2.20 -19.09 25.73
N LYS C 19 2.58 -19.22 24.45
CA LYS C 19 2.30 -20.42 23.69
C LYS C 19 3.55 -21.17 23.25
N PHE C 20 4.65 -20.47 22.95
CA PHE C 20 5.88 -21.13 22.53
C PHE C 20 7.09 -20.34 23.01
N THR C 21 8.16 -21.05 23.32
CA THR C 21 9.47 -20.46 23.56
C THR C 21 10.44 -21.02 22.53
N LEU C 22 11.09 -20.13 21.79
CA LEU C 22 11.91 -20.47 20.64
C LEU C 22 13.37 -20.34 21.02
N ALA C 23 14.07 -21.48 21.08
CA ALA C 23 15.48 -21.52 21.44
C ALA C 23 16.34 -21.80 20.22
N GLY C 24 17.60 -21.41 20.29
CA GLY C 24 18.54 -21.69 19.22
C GLY C 24 19.58 -20.62 18.95
N HIS C 25 19.25 -19.35 19.19
CA HIS C 25 20.27 -18.32 19.14
C HIS C 25 21.27 -18.52 20.27
N THR C 26 22.56 -18.30 19.97
CA THR C 26 23.62 -18.52 20.94
C THR C 26 24.14 -17.24 21.58
N LYS C 27 23.63 -16.08 21.17
CA LYS C 27 23.89 -14.83 21.86
C LYS C 27 22.58 -14.07 21.98
N ALA C 28 22.65 -12.84 22.47
CA ALA C 28 21.46 -12.03 22.65
C ALA C 28 20.71 -11.86 21.34
N VAL C 29 19.39 -11.95 21.40
CA VAL C 29 18.54 -11.62 20.25
C VAL C 29 18.42 -10.09 20.18
N SER C 30 18.37 -9.55 18.97
CA SER C 30 18.33 -8.11 18.76
C SER C 30 17.02 -7.62 18.18
N SER C 31 16.39 -8.38 17.28
CA SER C 31 15.16 -7.92 16.65
C SER C 31 14.36 -9.11 16.14
N VAL C 32 13.04 -9.06 16.34
CA VAL C 32 12.11 -10.03 15.76
C VAL C 32 11.09 -9.26 14.94
N LYS C 33 10.68 -9.83 13.81
CA LYS C 33 9.71 -9.22 12.91
C LYS C 33 8.85 -10.29 12.27
N PHE C 34 7.54 -10.07 12.24
CA PHE C 34 6.64 -10.95 11.49
C PHE C 34 6.67 -10.60 10.01
N SER C 35 6.65 -11.63 9.16
CA SER C 35 6.52 -11.39 7.73
C SER C 35 5.14 -10.79 7.43
N PRO C 36 5.05 -9.92 6.43
CA PRO C 36 3.75 -9.31 6.12
C PRO C 36 2.65 -10.30 5.80
N ASN C 37 2.97 -11.45 5.21
CA ASN C 37 1.94 -12.45 4.95
C ASN C 37 1.55 -13.24 6.20
N GLY C 38 2.13 -12.92 7.36
CA GLY C 38 1.73 -13.55 8.60
C GLY C 38 2.29 -14.93 8.83
N GLU C 39 3.14 -15.43 7.93
CA GLU C 39 3.55 -16.83 7.95
C GLU C 39 4.80 -17.09 8.78
N TRP C 40 5.71 -16.13 8.85
CA TRP C 40 7.01 -16.33 9.46
C TRP C 40 7.32 -15.26 10.49
N LEU C 41 8.17 -15.62 11.43
CA LEU C 41 8.88 -14.67 12.28
C LEU C 41 10.36 -14.79 11.96
N ALA C 42 10.99 -13.65 11.72
CA ALA C 42 12.43 -13.56 11.52
C ALA C 42 13.05 -12.94 12.75
N SER C 43 14.17 -13.50 13.19
CA SER C 43 14.91 -12.98 14.33
C SER C 43 16.37 -12.77 13.92
N SER C 44 16.97 -11.71 14.44
CA SER C 44 18.38 -11.42 14.24
C SER C 44 19.08 -11.49 15.58
N SER C 45 20.37 -11.83 15.57
CA SER C 45 21.05 -11.94 16.85
C SER C 45 22.49 -11.44 16.76
N ALA C 46 23.04 -11.16 17.95
CA ALA C 46 24.47 -10.86 18.07
C ALA C 46 25.33 -12.04 17.66
N ASP C 47 24.75 -13.24 17.54
CA ASP C 47 25.48 -14.42 17.09
C ASP C 47 25.72 -14.44 15.58
N LYS C 48 25.48 -13.33 14.89
CA LYS C 48 25.69 -13.12 13.46
C LYS C 48 24.64 -13.81 12.59
N LEU C 49 23.56 -14.32 13.18
CA LEU C 49 22.63 -15.16 12.44
C LEU C 49 21.24 -14.53 12.39
N ILE C 50 20.53 -14.86 11.31
CA ILE C 50 19.10 -14.65 11.17
C ILE C 50 18.44 -16.02 11.25
N LYS C 51 17.36 -16.13 12.00
CA LYS C 51 16.62 -17.37 12.10
C LYS C 51 15.16 -17.14 11.70
N ILE C 52 14.60 -18.10 10.97
CA ILE C 52 13.24 -18.05 10.47
C ILE C 52 12.44 -19.15 11.15
N TRP C 53 11.31 -18.77 11.74
CA TRP C 53 10.44 -19.65 12.51
C TRP C 53 9.00 -19.54 12.00
N GLY C 54 8.23 -20.60 12.20
CA GLY C 54 6.81 -20.53 11.88
C GLY C 54 6.09 -19.62 12.85
N ALA C 55 5.25 -18.72 12.30
CA ALA C 55 4.63 -17.69 13.13
C ALA C 55 3.58 -18.25 14.07
N TYR C 56 2.92 -19.34 13.69
CA TYR C 56 1.78 -19.84 14.46
C TYR C 56 2.12 -21.01 15.35
N ASP C 57 3.18 -21.78 15.06
CA ASP C 57 3.55 -22.92 15.88
C ASP C 57 4.98 -22.83 16.42
N GLY C 58 5.71 -21.75 16.13
CA GLY C 58 7.06 -21.60 16.64
C GLY C 58 8.08 -22.59 16.10
N LYS C 59 7.74 -23.33 15.05
CA LYS C 59 8.65 -24.36 14.55
C LYS C 59 9.81 -23.72 13.82
N PHE C 60 11.03 -24.12 14.18
CA PHE C 60 12.22 -23.60 13.50
C PHE C 60 12.19 -23.98 12.03
N GLU C 61 12.40 -22.99 11.17
CA GLU C 61 12.39 -23.21 9.73
C GLU C 61 13.79 -23.19 9.14
N LYS C 62 14.56 -22.14 9.37
CA LYS C 62 15.91 -22.13 8.77
C LYS C 62 16.80 -21.09 9.43
N THR C 63 18.10 -21.26 9.21
CA THR C 63 19.11 -20.29 9.64
C THR C 63 19.75 -19.67 8.40
N ILE C 64 19.88 -18.35 8.42
CA ILE C 64 20.45 -17.58 7.34
C ILE C 64 21.70 -16.91 7.88
N SER C 65 22.83 -17.12 7.20
CA SER C 65 24.13 -16.74 7.74
C SER C 65 24.97 -16.06 6.66
N GLY C 66 25.99 -15.34 7.10
CA GLY C 66 26.91 -14.67 6.20
C GLY C 66 27.49 -13.37 6.71
N HIS C 67 26.85 -12.73 7.68
CA HIS C 67 27.42 -11.54 8.30
C HIS C 67 28.65 -11.90 9.12
N LYS C 68 29.67 -11.04 9.06
CA LYS C 68 30.90 -11.30 9.80
C LYS C 68 30.81 -10.91 11.27
N LEU C 69 29.85 -10.06 11.65
CA LEU C 69 29.69 -9.62 13.02
C LEU C 69 28.20 -9.64 13.37
N GLY C 70 27.88 -9.25 14.60
CA GLY C 70 26.51 -9.34 15.07
C GLY C 70 25.56 -8.49 14.24
N ILE C 71 24.29 -8.84 14.33
CA ILE C 71 23.22 -8.19 13.59
C ILE C 71 22.28 -7.53 14.59
N SER C 72 21.95 -6.26 14.35
CA SER C 72 21.09 -5.49 15.25
C SER C 72 19.64 -5.38 14.80
N ASP C 73 19.34 -5.62 13.52
CA ASP C 73 17.98 -5.41 13.04
C ASP C 73 17.76 -6.21 11.77
N VAL C 74 16.49 -6.47 11.49
CA VAL C 74 16.07 -7.21 10.31
C VAL C 74 14.68 -6.71 9.92
N ALA C 75 14.38 -6.79 8.62
CA ALA C 75 13.10 -6.30 8.13
C ALA C 75 12.70 -7.05 6.87
N TRP C 76 11.39 -7.17 6.67
CA TRP C 76 10.81 -7.89 5.55
C TRP C 76 10.40 -6.94 4.43
N SER C 77 10.53 -7.41 3.19
CA SER C 77 9.86 -6.74 2.09
C SER C 77 8.36 -7.00 2.18
N SER C 78 7.58 -6.19 1.47
CA SER C 78 6.13 -6.27 1.60
C SER C 78 5.58 -7.60 1.12
N ASP C 79 6.24 -8.25 0.16
CA ASP C 79 5.75 -9.53 -0.37
C ASP C 79 6.32 -10.72 0.38
N SER C 80 7.00 -10.51 1.50
CA SER C 80 7.54 -11.55 2.38
C SER C 80 8.65 -12.37 1.75
N ASN C 81 9.19 -11.95 0.60
CA ASN C 81 10.19 -12.74 -0.10
C ASN C 81 11.62 -12.33 0.22
N LEU C 82 11.84 -11.13 0.73
CA LEU C 82 13.18 -10.66 1.00
C LEU C 82 13.33 -10.26 2.46
N LEU C 83 14.56 -10.36 2.94
CA LEU C 83 14.94 -9.76 4.22
C LEU C 83 16.10 -8.81 3.99
N VAL C 84 16.16 -7.76 4.81
CA VAL C 84 17.34 -6.93 4.92
C VAL C 84 17.80 -6.99 6.36
N SER C 85 19.12 -7.12 6.55
CA SER C 85 19.72 -7.19 7.87
C SER C 85 20.76 -6.08 8.00
N ALA C 86 20.86 -5.53 9.20
CA ALA C 86 21.80 -4.48 9.55
C ALA C 86 22.78 -5.01 10.58
N SER C 87 24.08 -4.86 10.32
CA SER C 87 25.09 -5.58 11.07
C SER C 87 26.20 -4.66 11.56
N ASP C 88 26.89 -5.12 12.61
CA ASP C 88 28.09 -4.45 13.11
C ASP C 88 29.22 -4.48 12.10
N ASP C 89 29.17 -5.38 11.10
CA ASP C 89 30.21 -5.43 10.06
C ASP C 89 30.12 -4.27 9.04
N LYS C 90 29.27 -3.27 9.30
CA LYS C 90 29.12 -2.02 8.57
C LYS C 90 28.34 -2.19 7.27
N THR C 91 27.80 -3.38 7.00
CA THR C 91 27.03 -3.60 5.78
C THR C 91 25.60 -3.95 6.15
N LEU C 92 24.69 -3.70 5.22
CA LEU C 92 23.41 -4.37 5.23
C LEU C 92 23.45 -5.52 4.25
N LYS C 93 22.60 -6.50 4.45
CA LYS C 93 22.52 -7.61 3.51
C LYS C 93 21.07 -7.88 3.13
N ILE C 94 20.85 -8.09 1.83
CA ILE C 94 19.55 -8.45 1.29
C ILE C 94 19.60 -9.94 0.97
N TRP C 95 18.64 -10.66 1.54
CA TRP C 95 18.52 -12.12 1.49
C TRP C 95 17.23 -12.52 0.79
N ASP C 96 17.34 -13.55 -0.05
CA ASP C 96 16.18 -14.29 -0.55
C ASP C 96 15.78 -15.30 0.52
N VAL C 97 14.58 -15.12 1.10
CA VAL C 97 14.16 -15.96 2.22
C VAL C 97 14.05 -17.42 1.78
N SER C 98 13.50 -17.66 0.60
CA SER C 98 13.30 -19.03 0.13
C SER C 98 14.62 -19.78 0.05
N SER C 99 15.62 -19.18 -0.60
CA SER C 99 16.91 -19.84 -0.78
C SER C 99 17.90 -19.55 0.33
N GLY C 100 17.64 -18.54 1.16
CA GLY C 100 18.53 -18.19 2.25
C GLY C 100 19.84 -17.56 1.85
N LYS C 101 20.07 -17.32 0.56
CA LYS C 101 21.35 -16.77 0.12
C LYS C 101 21.30 -15.27 -0.01
N CYS C 102 22.44 -14.64 0.23
CA CYS C 102 22.58 -13.19 0.20
C CYS C 102 22.51 -12.69 -1.24
N LEU C 103 21.45 -11.93 -1.55
CA LEU C 103 21.34 -11.33 -2.88
C LEU C 103 22.23 -10.11 -3.02
N LYS C 104 22.31 -9.28 -1.99
CA LYS C 104 23.11 -8.05 -2.10
C LYS C 104 23.79 -7.73 -0.79
N THR C 105 24.96 -7.10 -0.89
CA THR C 105 25.64 -6.52 0.27
C THR C 105 25.74 -5.01 0.06
N LEU C 106 25.12 -4.25 0.97
CA LEU C 106 24.99 -2.81 0.88
C LEU C 106 26.11 -2.20 1.73
N LYS C 107 27.13 -1.67 1.06
CA LYS C 107 28.30 -1.08 1.68
C LYS C 107 28.26 0.44 1.56
N GLY C 108 28.87 1.11 2.53
CA GLY C 108 28.94 2.56 2.52
C GLY C 108 28.85 3.19 3.89
N HIS C 109 28.19 2.53 4.83
CA HIS C 109 28.27 2.96 6.22
C HIS C 109 29.69 2.73 6.74
N SER C 110 30.18 3.67 7.54
CA SER C 110 31.53 3.57 8.11
C SER C 110 31.53 3.12 9.56
N ASN C 111 30.41 2.64 10.07
CA ASN C 111 30.32 2.13 11.43
C ASN C 111 29.13 1.17 11.49
N TYR C 112 28.81 0.70 12.70
CA TYR C 112 27.76 -0.30 12.86
C TYR C 112 26.47 0.18 12.24
N VAL C 113 25.80 -0.69 11.49
CA VAL C 113 24.45 -0.42 11.02
C VAL C 113 23.48 -0.95 12.06
N PHE C 114 22.59 -0.07 12.54
CA PHE C 114 21.79 -0.33 13.73
C PHE C 114 20.34 -0.67 13.43
N CYS C 115 19.78 -0.15 12.34
CA CYS C 115 18.36 -0.27 12.05
C CYS C 115 18.13 -0.23 10.55
N CYS C 116 17.06 -0.89 10.10
CA CYS C 116 16.75 -0.98 8.69
C CYS C 116 15.26 -1.20 8.49
N ASN C 117 14.79 -0.86 7.30
CA ASN C 117 13.39 -1.03 6.95
C ASN C 117 13.24 -0.90 5.44
N PHE C 118 12.38 -1.74 4.87
CA PHE C 118 11.91 -1.54 3.50
C PHE C 118 10.83 -0.45 3.52
N ASN C 119 10.67 0.22 2.39
CA ASN C 119 9.48 1.03 2.21
C ASN C 119 8.35 0.10 1.77
N PRO C 120 7.10 0.55 1.83
CA PRO C 120 6.01 -0.34 1.42
C PRO C 120 6.16 -0.88 0.00
N GLN C 121 6.57 -0.04 -0.95
CA GLN C 121 6.83 -0.52 -2.30
C GLN C 121 7.93 -1.57 -2.31
N SER C 122 8.86 -1.50 -1.35
CA SER C 122 9.99 -2.40 -1.21
C SER C 122 10.99 -2.29 -2.35
N ASN C 123 11.00 -1.16 -3.05
CA ASN C 123 12.10 -0.84 -3.96
C ASN C 123 13.24 -0.12 -3.25
N LEU C 124 13.00 0.39 -2.04
CA LEU C 124 14.01 1.12 -1.29
C LEU C 124 14.20 0.49 0.08
N ILE C 125 15.42 0.64 0.61
CA ILE C 125 15.72 0.28 1.99
C ILE C 125 16.32 1.51 2.67
N VAL C 126 15.85 1.79 3.88
CA VAL C 126 16.40 2.88 4.69
C VAL C 126 17.20 2.25 5.83
N SER C 127 18.34 2.86 6.17
CA SER C 127 19.19 2.34 7.22
C SER C 127 19.72 3.49 8.06
N GLY C 128 19.97 3.20 9.34
CA GLY C 128 20.65 4.13 10.22
C GLY C 128 21.85 3.44 10.83
N SER C 129 22.86 4.25 11.17
CA SER C 129 24.14 3.69 11.56
C SER C 129 24.72 4.45 12.75
N PHE C 130 25.70 3.82 13.39
CA PHE C 130 26.49 4.51 14.39
C PHE C 130 27.27 5.68 13.79
N ASP C 131 27.47 5.69 12.46
CA ASP C 131 28.16 6.81 11.80
C ASP C 131 27.29 8.07 11.70
N GLU C 132 26.10 8.06 12.31
CA GLU C 132 25.19 9.19 12.48
C GLU C 132 24.46 9.55 11.19
N SER C 133 24.62 8.80 10.11
CA SER C 133 23.94 9.08 8.86
C SER C 133 22.74 8.15 8.67
N VAL C 134 21.85 8.55 7.77
CA VAL C 134 20.77 7.69 7.31
C VAL C 134 20.99 7.47 5.82
N ARG C 135 20.88 6.23 5.37
CA ARG C 135 21.11 5.96 3.96
C ARG C 135 19.88 5.33 3.32
N ILE C 136 19.65 5.71 2.06
CA ILE C 136 18.55 5.18 1.25
C ILE C 136 19.18 4.42 0.10
N TRP C 137 18.81 3.14 -0.03
CA TRP C 137 19.43 2.16 -0.92
C TRP C 137 18.40 1.65 -1.92
N ASP C 138 18.87 1.43 -3.15
CA ASP C 138 18.06 0.77 -4.17
C ASP C 138 18.13 -0.75 -3.98
N VAL C 139 16.96 -1.38 -3.84
CA VAL C 139 16.92 -2.82 -3.60
C VAL C 139 17.43 -3.59 -4.81
N LYS C 140 17.07 -3.14 -6.01
CA LYS C 140 17.42 -3.86 -7.23
C LYS C 140 18.93 -3.95 -7.41
N THR C 141 19.63 -2.83 -7.24
CA THR C 141 21.05 -2.74 -7.55
C THR C 141 21.96 -2.81 -6.33
N GLY C 142 21.43 -2.52 -5.14
CA GLY C 142 22.25 -2.46 -3.96
C GLY C 142 23.03 -1.17 -3.80
N LYS C 143 22.89 -0.23 -4.74
CA LYS C 143 23.62 1.02 -4.66
C LYS C 143 22.95 1.97 -3.68
N CYS C 144 23.78 2.74 -2.98
CA CYS C 144 23.25 3.79 -2.12
C CYS C 144 22.75 4.94 -2.98
N LEU C 145 21.46 5.26 -2.87
CA LEU C 145 20.92 6.38 -3.62
C LEU C 145 21.12 7.70 -2.87
N LYS C 146 21.00 7.68 -1.55
CA LYS C 146 21.19 8.93 -0.81
C LYS C 146 21.86 8.68 0.54
N THR C 147 22.70 9.63 0.95
CA THR C 147 23.27 9.68 2.28
C THR C 147 22.83 10.98 2.94
N LEU C 148 22.04 10.87 4.00
CA LEU C 148 21.54 12.01 4.75
C LEU C 148 22.40 12.23 5.97
N PRO C 149 22.97 13.44 6.15
CA PRO C 149 23.65 13.77 7.41
C PRO C 149 22.61 13.97 8.50
N ALA C 150 21.99 12.88 8.91
CA ALA C 150 20.71 12.97 9.62
C ALA C 150 20.90 13.45 11.05
N HIS C 151 21.97 13.04 11.70
CA HIS C 151 22.07 13.21 13.15
C HIS C 151 23.52 13.46 13.54
N SER C 152 23.70 13.90 14.79
CA SER C 152 25.01 14.16 15.36
C SER C 152 25.37 13.10 16.41
N ASP C 153 24.71 11.96 16.36
CA ASP C 153 24.95 10.83 17.26
C ASP C 153 24.41 9.58 16.58
N PRO C 154 24.68 8.39 17.13
CA PRO C 154 24.20 7.17 16.48
C PRO C 154 22.70 7.18 16.26
N VAL C 155 22.28 6.59 15.14
CA VAL C 155 20.88 6.58 14.74
C VAL C 155 20.22 5.30 15.24
N SER C 156 19.17 5.45 16.05
CA SER C 156 18.58 4.31 16.74
C SER C 156 17.43 3.65 15.98
N ALA C 157 16.73 4.37 15.10
CA ALA C 157 15.62 3.78 14.37
C ALA C 157 15.34 4.56 13.10
N VAL C 158 14.85 3.85 12.08
CA VAL C 158 14.42 4.44 10.81
C VAL C 158 13.16 3.72 10.34
N HIS C 159 12.22 4.47 9.76
CA HIS C 159 10.93 3.89 9.41
C HIS C 159 10.25 4.72 8.33
N PHE C 160 9.67 4.03 7.33
CA PHE C 160 8.80 4.62 6.33
C PHE C 160 7.35 4.67 6.81
N ASN C 161 6.61 5.67 6.32
CA ASN C 161 5.18 5.73 6.56
C ASN C 161 4.47 4.84 5.53
N ARG C 162 3.13 4.82 5.56
CA ARG C 162 2.36 3.83 4.81
C ARG C 162 2.45 3.98 3.30
N ASP C 163 2.81 5.15 2.76
CA ASP C 163 2.98 5.29 1.32
C ASP C 163 4.43 5.42 0.90
N GLY C 164 5.37 5.45 1.85
CA GLY C 164 6.78 5.55 1.56
C GLY C 164 7.28 6.95 1.29
N SER C 165 6.40 7.96 1.36
CA SER C 165 6.81 9.32 1.05
C SER C 165 7.62 9.96 2.18
N LEU C 166 7.54 9.45 3.41
CA LEU C 166 8.26 10.01 4.53
C LEU C 166 9.13 8.96 5.20
N ILE C 167 10.26 9.42 5.75
CA ILE C 167 11.11 8.62 6.62
C ILE C 167 11.17 9.32 7.97
N VAL C 168 11.06 8.55 9.04
CA VAL C 168 11.27 9.08 10.39
C VAL C 168 12.52 8.42 10.96
N SER C 169 13.38 9.23 11.56
CA SER C 169 14.61 8.75 12.18
C SER C 169 14.72 9.31 13.59
N SER C 170 15.41 8.57 14.45
CA SER C 170 15.66 8.98 15.82
C SER C 170 17.12 8.71 16.17
N SER C 171 17.61 9.38 17.20
CA SER C 171 19.03 9.30 17.51
C SER C 171 19.27 9.57 18.99
N TYR C 172 20.47 9.15 19.44
CA TYR C 172 20.94 9.49 20.77
C TYR C 172 21.18 10.99 20.93
N ASP C 173 21.25 11.75 19.83
CA ASP C 173 21.40 13.18 19.93
C ASP C 173 20.17 13.87 20.49
N GLY C 174 19.06 13.15 20.64
CA GLY C 174 17.86 13.66 21.26
C GLY C 174 16.78 14.09 20.30
N LEU C 175 16.99 13.93 19.00
CA LEU C 175 16.10 14.48 17.99
C LEU C 175 15.30 13.39 17.31
N CYS C 176 14.09 13.73 16.90
CA CYS C 176 13.33 12.94 15.95
C CYS C 176 13.19 13.75 14.68
N ARG C 177 13.46 13.15 13.53
CA ARG C 177 13.44 13.92 12.29
C ARG C 177 12.62 13.23 11.21
N ILE C 178 11.88 14.05 10.48
CA ILE C 178 10.99 13.65 9.40
C ILE C 178 11.59 14.14 8.11
N TRP C 179 11.84 13.19 7.20
CA TRP C 179 12.53 13.38 5.92
C TRP C 179 11.60 13.09 4.76
N ASP C 180 11.69 13.94 3.73
CA ASP C 180 11.03 13.67 2.46
C ASP C 180 11.85 12.63 1.69
N THR C 181 11.23 11.48 1.42
CA THR C 181 11.96 10.37 0.80
C THR C 181 12.52 10.76 -0.56
N ALA C 182 11.70 11.42 -1.40
CA ALA C 182 12.09 11.68 -2.77
C ALA C 182 13.29 12.64 -2.85
N SER C 183 13.31 13.66 -1.99
CA SER C 183 14.34 14.68 -2.05
C SER C 183 15.44 14.51 -1.01
N GLY C 184 15.21 13.72 0.04
CA GLY C 184 16.15 13.62 1.12
C GLY C 184 16.17 14.82 2.05
N GLN C 185 15.29 15.81 1.85
CA GLN C 185 15.30 17.01 2.66
C GLN C 185 14.53 16.79 3.96
N CYS C 186 15.04 17.40 5.04
CA CYS C 186 14.40 17.26 6.34
C CYS C 186 13.16 18.15 6.39
N LEU C 187 12.00 17.53 6.60
CA LEU C 187 10.77 18.29 6.71
C LEU C 187 10.48 18.76 8.12
N LYS C 188 10.92 18.02 9.14
CA LYS C 188 10.58 18.45 10.49
C LYS C 188 11.55 17.87 11.50
N THR C 189 11.87 18.64 12.54
CA THR C 189 12.68 18.17 13.66
C THR C 189 11.90 18.34 14.95
N LEU C 190 11.58 17.22 15.61
CA LEU C 190 10.98 17.20 16.93
C LEU C 190 12.06 17.18 18.01
N ILE C 191 12.05 18.22 18.85
CA ILE C 191 12.94 18.34 19.99
C ILE C 191 12.12 18.42 21.27
N ASN C 195 16.64 17.00 26.53
CA ASN C 195 17.22 16.32 25.38
C ASN C 195 17.59 14.85 25.67
N PRO C 196 16.62 14.03 26.11
CA PRO C 196 16.96 12.63 26.34
C PRO C 196 17.20 11.88 25.04
N PRO C 197 18.15 10.94 25.04
CA PRO C 197 18.38 10.12 23.84
C PRO C 197 17.11 9.41 23.38
N VAL C 198 16.81 9.53 22.09
CA VAL C 198 15.69 8.82 21.50
C VAL C 198 16.20 7.47 21.00
N SER C 199 15.68 6.38 21.58
CA SER C 199 16.16 5.04 21.31
C SER C 199 15.31 4.27 20.30
N PHE C 200 14.10 4.74 20.01
CA PHE C 200 13.26 4.08 19.02
C PHE C 200 12.21 5.06 18.52
N VAL C 201 11.81 4.87 17.26
CA VAL C 201 10.79 5.70 16.64
C VAL C 201 10.12 4.89 15.53
N LYS C 202 8.82 5.09 15.35
CA LYS C 202 8.13 4.53 14.19
C LYS C 202 6.80 5.25 13.98
N PHE C 203 6.36 5.25 12.73
CA PHE C 203 5.07 5.86 12.39
C PHE C 203 3.91 5.03 12.90
N SER C 204 2.83 5.72 13.25
CA SER C 204 1.56 5.05 13.49
C SER C 204 1.02 4.49 12.18
N PRO C 205 0.13 3.48 12.25
CA PRO C 205 -0.39 2.88 11.01
C PRO C 205 -1.02 3.88 10.05
N ASN C 206 -1.78 4.86 10.55
CA ASN C 206 -2.36 5.87 9.68
C ASN C 206 -1.35 6.90 9.20
N GLY C 207 -0.15 6.93 9.77
CA GLY C 207 0.89 7.84 9.33
C GLY C 207 0.81 9.24 9.92
N LYS C 208 -0.22 9.54 10.71
CA LYS C 208 -0.34 10.87 11.29
C LYS C 208 0.48 11.03 12.57
N TYR C 209 0.78 9.93 13.25
CA TYR C 209 1.43 9.96 14.55
C TYR C 209 2.77 9.24 14.50
N ILE C 210 3.63 9.61 15.45
CA ILE C 210 4.94 9.00 15.62
C ILE C 210 5.07 8.53 17.06
N LEU C 211 5.50 7.28 17.24
CA LEU C 211 5.75 6.73 18.57
C LEU C 211 7.26 6.73 18.81
N ALA C 212 7.69 7.43 19.86
CA ALA C 212 9.10 7.62 20.13
C ALA C 212 9.42 7.18 21.55
N ALA C 213 10.44 6.34 21.70
CA ALA C 213 10.95 5.93 22.99
C ALA C 213 12.15 6.78 23.36
N THR C 214 12.20 7.27 24.59
CA THR C 214 13.38 7.95 25.09
C THR C 214 13.92 7.17 26.28
N LEU C 215 15.21 7.39 26.56
CA LEU C 215 15.90 6.60 27.57
C LEU C 215 15.68 7.13 28.98
N ASP C 216 14.55 7.79 29.20
CA ASP C 216 14.08 8.17 30.53
C ASP C 216 12.81 7.41 30.92
N ASN C 217 12.71 6.15 30.50
CA ASN C 217 11.58 5.28 30.83
C ASN C 217 10.25 5.84 30.32
N THR C 218 10.27 6.38 29.10
CA THR C 218 9.11 7.08 28.56
C THR C 218 8.90 6.73 27.09
N LEU C 219 7.65 6.48 26.72
CA LEU C 219 7.22 6.48 25.32
C LEU C 219 6.25 7.63 25.11
N LYS C 220 6.35 8.28 23.96
CA LYS C 220 5.43 9.37 23.65
C LYS C 220 4.86 9.20 22.24
N LEU C 221 3.57 9.51 22.13
CA LEU C 221 2.87 9.54 20.85
C LEU C 221 2.72 11.00 20.45
N TRP C 222 3.35 11.36 19.34
CA TRP C 222 3.45 12.73 18.83
C TRP C 222 2.62 12.90 17.57
N ASP C 223 1.99 14.06 17.42
CA ASP C 223 1.53 14.52 16.13
C ASP C 223 2.68 15.35 15.58
N TYR C 224 3.34 14.85 14.53
CA TYR C 224 4.59 15.48 14.10
C TYR C 224 4.37 16.80 13.39
N SER C 225 3.41 16.87 12.46
CA SER C 225 3.19 18.13 11.75
C SER C 225 2.90 19.28 12.69
N LYS C 226 2.25 19.00 13.82
CA LYS C 226 1.92 20.03 14.79
C LYS C 226 3.00 20.17 15.86
N GLY C 227 3.89 19.19 15.97
CA GLY C 227 4.92 19.22 16.99
C GLY C 227 4.36 19.14 18.39
N LYS C 228 3.30 18.35 18.58
CA LYS C 228 2.62 18.25 19.87
C LYS C 228 2.62 16.80 20.32
N CYS C 229 2.93 16.59 21.60
CA CYS C 229 2.85 15.28 22.22
C CYS C 229 1.40 14.99 22.61
N LEU C 230 0.81 13.97 21.99
CA LEU C 230 -0.56 13.63 22.33
C LEU C 230 -0.66 12.67 23.50
N LYS C 231 0.22 11.67 23.56
CA LYS C 231 0.10 10.64 24.59
C LYS C 231 1.45 10.35 25.21
N THR C 232 1.43 9.90 26.47
CA THR C 232 2.62 9.48 27.19
C THR C 232 2.35 8.14 27.86
N TYR C 233 3.28 7.20 27.72
CA TYR C 233 3.17 5.87 28.30
C TYR C 233 4.40 5.61 29.16
N THR C 234 4.16 5.27 30.44
CA THR C 234 5.21 5.10 31.44
C THR C 234 4.91 3.84 32.25
N GLY C 235 5.78 3.55 33.21
CA GLY C 235 5.68 2.38 34.05
C GLY C 235 6.71 1.32 33.77
N HIS C 236 7.35 1.35 32.61
CA HIS C 236 8.36 0.39 32.22
C HIS C 236 9.76 0.93 32.48
N LYS C 237 10.74 0.05 32.34
CA LYS C 237 12.16 0.40 32.52
C LYS C 237 12.83 0.49 31.16
N ASN C 238 13.25 1.71 30.79
CA ASN C 238 13.98 1.91 29.54
C ASN C 238 14.99 3.04 29.75
N GLU C 239 16.21 2.67 30.12
CA GLU C 239 17.27 3.63 30.36
C GLU C 239 18.55 3.38 29.57
N LYS C 240 18.74 2.19 29.01
CA LYS C 240 20.03 1.85 28.40
C LYS C 240 19.91 1.31 26.98
N TYR C 241 18.89 0.52 26.68
CA TYR C 241 18.83 -0.21 25.43
C TYR C 241 17.80 0.40 24.49
N CYS C 242 18.03 0.23 23.19
CA CYS C 242 17.10 0.66 22.16
C CYS C 242 16.06 -0.44 21.99
N ILE C 243 14.90 -0.26 22.60
CA ILE C 243 13.87 -1.29 22.67
C ILE C 243 12.76 -0.96 21.67
N PHE C 244 12.38 -1.94 20.86
CA PHE C 244 11.31 -1.77 19.89
C PHE C 244 9.97 -1.56 20.59
N ALA C 245 9.11 -0.75 19.97
CA ALA C 245 7.72 -0.62 20.39
C ALA C 245 6.82 -0.77 19.16
N ASN C 246 5.55 -1.07 19.42
CA ASN C 246 4.61 -1.39 18.35
C ASN C 246 3.24 -0.80 18.64
N PHE C 247 2.51 -0.50 17.57
CA PHE C 247 1.07 -0.32 17.60
C PHE C 247 0.44 -1.69 17.36
N SER C 248 -0.39 -2.15 18.29
CA SER C 248 -1.17 -3.37 18.12
C SER C 248 -2.57 -2.96 17.68
N VAL C 249 -3.00 -3.45 16.51
CA VAL C 249 -4.23 -2.99 15.89
C VAL C 249 -5.16 -4.14 15.51
N THR C 250 -4.69 -5.39 15.67
CA THR C 250 -5.50 -6.53 15.24
C THR C 250 -6.77 -6.66 16.08
N GLY C 251 -6.65 -6.44 17.39
CA GLY C 251 -7.82 -6.42 18.26
C GLY C 251 -8.01 -5.04 18.83
N GLY C 252 -7.85 -4.90 20.15
CA GLY C 252 -7.83 -3.58 20.74
C GLY C 252 -6.61 -2.80 20.32
N LYS C 253 -6.72 -1.47 20.37
CA LYS C 253 -5.62 -0.61 19.97
C LYS C 253 -4.68 -0.45 21.16
N TRP C 254 -3.58 -1.19 21.13
CA TRP C 254 -2.63 -1.17 22.24
C TRP C 254 -1.30 -0.58 21.79
N ILE C 255 -0.53 -0.13 22.79
CA ILE C 255 0.89 0.14 22.63
C ILE C 255 1.64 -1.00 23.30
N VAL C 256 2.60 -1.59 22.60
CA VAL C 256 3.33 -2.76 23.11
C VAL C 256 4.81 -2.44 23.12
N SER C 257 5.49 -2.77 24.22
CA SER C 257 6.92 -2.51 24.29
C SER C 257 7.61 -3.55 25.17
N GLY C 258 8.87 -3.81 24.86
CA GLY C 258 9.72 -4.52 25.78
C GLY C 258 10.18 -3.60 26.89
N SER C 259 10.87 -4.18 27.87
CA SER C 259 11.30 -3.44 29.04
C SER C 259 12.55 -4.08 29.59
N GLU C 260 13.36 -3.28 30.28
CA GLU C 260 14.63 -3.79 30.83
C GLU C 260 14.44 -4.54 32.14
N ASP C 261 13.21 -4.63 32.66
CA ASP C 261 12.93 -5.47 33.81
C ASP C 261 12.40 -6.85 33.41
N ASN C 262 12.61 -7.24 32.14
CA ASN C 262 12.30 -8.54 31.59
C ASN C 262 10.81 -8.78 31.35
N LEU C 263 10.01 -7.71 31.29
CA LEU C 263 8.56 -7.84 31.11
C LEU C 263 8.14 -7.23 29.79
N VAL C 264 7.05 -7.73 29.23
CA VAL C 264 6.41 -7.10 28.07
C VAL C 264 5.28 -6.23 28.57
N TYR C 265 5.34 -4.93 28.28
CA TYR C 265 4.32 -4.00 28.73
C TYR C 265 3.34 -3.71 27.60
N ILE C 266 2.06 -3.71 27.93
CA ILE C 266 0.98 -3.41 27.00
C ILE C 266 0.11 -2.35 27.64
N TRP C 267 -0.01 -1.21 26.96
CA TRP C 267 -0.80 -0.07 27.39
C TRP C 267 -2.03 0.09 26.48
N ASN C 268 -3.10 0.62 27.06
CA ASN C 268 -4.21 1.13 26.26
C ASN C 268 -3.77 2.41 25.57
N LEU C 269 -3.89 2.45 24.24
CA LEU C 269 -3.37 3.59 23.49
C LEU C 269 -4.08 4.88 23.87
N GLN C 270 -5.40 4.82 24.03
CA GLN C 270 -6.16 6.04 24.31
C GLN C 270 -6.02 6.50 25.75
N THR C 271 -6.06 5.57 26.71
CA THR C 271 -6.06 5.92 28.12
C THR C 271 -4.68 5.89 28.77
N LYS C 272 -3.67 5.39 28.05
CA LYS C 272 -2.28 5.37 28.52
C LYS C 272 -2.09 4.47 29.73
N GLU C 273 -3.06 3.62 30.05
CA GLU C 273 -3.01 2.77 31.23
C GLU C 273 -2.38 1.43 30.86
N ILE C 274 -1.56 0.90 31.77
CA ILE C 274 -1.02 -0.43 31.55
C ILE C 274 -2.18 -1.42 31.67
N VAL C 275 -2.42 -2.16 30.60
CA VAL C 275 -3.47 -3.17 30.58
C VAL C 275 -2.90 -4.58 30.68
N GLN C 276 -1.64 -4.79 30.33
CA GLN C 276 -1.10 -6.11 30.61
C GLN C 276 0.42 -6.04 30.78
N LYS C 277 0.92 -7.00 31.59
CA LYS C 277 2.35 -7.24 31.87
C LYS C 277 2.69 -8.72 31.73
N LEU C 278 3.39 -9.02 30.66
CA LEU C 278 3.77 -10.38 30.33
C LEU C 278 5.09 -10.74 31.00
N GLN C 279 5.06 -11.85 31.73
CA GLN C 279 6.21 -12.39 32.47
C GLN C 279 6.68 -13.70 31.85
N GLY C 280 8.00 -13.94 31.93
CA GLY C 280 8.58 -15.18 31.44
C GLY C 280 9.99 -15.10 30.88
N HIS C 281 10.40 -13.92 30.40
CA HIS C 281 11.73 -13.72 29.82
C HIS C 281 12.81 -13.67 30.90
N THR C 282 14.07 -13.90 30.46
CA THR C 282 15.09 -14.21 31.44
C THR C 282 16.06 -13.04 31.52
N ASP C 283 15.74 -11.94 30.81
CA ASP C 283 16.65 -10.82 30.59
C ASP C 283 15.86 -9.70 29.91
N VAL C 284 16.55 -8.59 29.65
CA VAL C 284 15.93 -7.43 29.02
C VAL C 284 15.20 -7.84 27.74
N VAL C 285 13.91 -7.51 27.67
CA VAL C 285 13.13 -7.77 26.47
C VAL C 285 13.46 -6.68 25.46
N ILE C 286 14.42 -6.97 24.59
CA ILE C 286 14.89 -5.97 23.64
C ILE C 286 13.92 -5.77 22.49
N SER C 287 13.08 -6.75 22.16
CA SER C 287 12.30 -6.58 20.95
C SER C 287 10.91 -7.19 21.08
N THR C 288 9.91 -6.49 20.54
CA THR C 288 8.56 -7.01 20.43
C THR C 288 8.00 -6.67 19.06
N ALA C 289 7.11 -7.53 18.57
CA ALA C 289 6.46 -7.36 17.27
C ALA C 289 5.05 -7.91 17.32
N CYS C 290 4.16 -7.31 16.53
CA CYS C 290 2.75 -7.67 16.51
C CYS C 290 2.38 -8.32 15.18
N HIS C 291 1.69 -9.46 15.26
CA HIS C 291 1.32 -10.20 14.06
C HIS C 291 0.35 -9.39 13.21
N PRO C 292 0.44 -9.49 11.87
CA PRO C 292 -0.40 -8.62 11.02
C PRO C 292 -1.89 -8.89 11.08
N THR C 293 -2.34 -10.10 11.43
CA THR C 293 -3.77 -10.39 11.38
C THR C 293 -4.30 -11.01 12.66
N GLU C 294 -3.47 -11.77 13.37
CA GLU C 294 -3.86 -12.40 14.62
C GLU C 294 -3.35 -11.57 15.80
N ASN C 295 -4.03 -11.75 16.94
CA ASN C 295 -3.60 -11.15 18.20
C ASN C 295 -2.45 -11.98 18.77
N ILE C 296 -1.28 -11.85 18.13
CA ILE C 296 -0.08 -12.60 18.50
C ILE C 296 1.07 -11.63 18.66
N ILE C 297 1.80 -11.76 19.77
CA ILE C 297 2.98 -10.95 20.04
C ILE C 297 4.22 -11.83 20.06
N ALA C 298 5.29 -11.36 19.46
CA ALA C 298 6.60 -11.99 19.57
C ALA C 298 7.50 -11.09 20.41
N SER C 299 8.19 -11.69 21.38
CA SER C 299 9.11 -10.98 22.26
C SER C 299 10.46 -11.67 22.24
N ALA C 300 11.52 -10.90 22.46
CA ALA C 300 12.87 -11.42 22.42
C ALA C 300 13.77 -10.66 23.39
N ALA C 301 14.70 -11.40 24.00
CA ALA C 301 15.47 -10.96 25.16
C ALA C 301 16.98 -11.13 24.93
N LEU C 302 17.76 -10.62 25.88
CA LEU C 302 19.20 -10.43 25.75
C LEU C 302 19.96 -11.67 26.26
N GLU C 303 21.27 -11.50 26.49
CA GLU C 303 22.21 -12.62 26.59
C GLU C 303 21.81 -13.64 27.65
N ASN C 304 21.25 -13.21 28.78
CA ASN C 304 20.90 -14.17 29.80
C ASN C 304 19.70 -15.04 29.39
N ASP C 305 18.99 -14.67 28.33
CA ASP C 305 17.80 -15.40 27.90
C ASP C 305 17.98 -16.03 26.53
N LYS C 306 18.28 -15.25 25.50
CA LYS C 306 18.56 -15.70 24.13
C LYS C 306 17.36 -16.33 23.43
N THR C 307 16.18 -16.33 24.03
CA THR C 307 15.04 -16.99 23.43
C THR C 307 14.00 -16.00 22.95
N ILE C 308 13.13 -16.49 22.06
CA ILE C 308 11.98 -15.76 21.56
C ILE C 308 10.73 -16.42 22.12
N LYS C 309 9.73 -15.61 22.45
CA LYS C 309 8.48 -16.11 23.00
C LYS C 309 7.30 -15.60 22.17
N LEU C 310 6.34 -16.49 21.91
CA LEU C 310 5.13 -16.16 21.19
C LEU C 310 3.95 -16.18 22.16
N TRP C 311 3.12 -15.13 22.09
CA TRP C 311 2.00 -14.96 23.00
C TRP C 311 0.74 -14.76 22.18
N LYS C 312 -0.38 -15.29 22.69
CA LYS C 312 -1.66 -15.20 22.00
C LYS C 312 -2.74 -14.63 22.92
N SER C 313 -3.60 -13.78 22.35
CA SER C 313 -4.67 -13.13 23.09
C SER C 313 -6.00 -13.35 22.39
N ASP C 314 -7.08 -13.35 23.18
CA ASP C 314 -8.42 -13.42 22.61
C ASP C 314 -8.90 -12.08 22.06
N CYS C 315 -8.25 -10.98 22.42
CA CYS C 315 -8.61 -9.66 21.91
C CYS C 315 -7.43 -8.71 21.89
N GLY D 1 28.76 -10.18 19.79
CA GLY D 1 28.04 -9.00 20.25
C GLY D 1 27.45 -8.20 19.12
N CYS D 2 26.51 -7.31 19.45
CA CYS D 2 25.92 -6.41 18.47
C CYS D 2 25.55 -5.10 19.16
N ALA D 3 25.47 -4.03 18.35
CA ALA D 3 25.30 -2.68 18.88
C ALA D 3 24.03 -2.54 19.72
N ARG D 4 22.96 -3.24 19.37
CA ARG D 4 21.73 -3.16 20.16
C ARG D 4 21.91 -3.79 21.53
N SER D 5 22.59 -4.92 21.60
CA SER D 5 22.86 -5.58 22.87
C SER D 5 23.86 -4.82 23.74
N GLU D 6 24.57 -3.83 23.19
CA GLU D 6 25.58 -3.12 23.98
C GLU D 6 24.96 -2.02 24.84
N GLY D 7 24.31 -1.04 24.23
CA GLY D 7 23.44 -0.12 24.97
C GLY D 7 24.11 1.22 25.24
N PHE D 8 24.04 1.67 26.49
CA PHE D 8 24.45 3.01 26.93
C PHE D 8 23.73 4.10 26.15
#